data_3WIG
#
_entry.id   3WIG
#
_cell.length_a   136.366
_cell.length_b   136.366
_cell.length_c   59.764
_cell.angle_alpha   90.000
_cell.angle_beta   90.000
_cell.angle_gamma   120.000
#
_symmetry.space_group_name_H-M   'P 31 2 1'
#
loop_
_entity.id
_entity.type
_entity.pdbx_description
1 polymer 'Dual specificity mitogen-activated protein kinase kinase 1'
2 non-polymer 'PHOSPHOAMINOPHOSPHONIC ACID-ADENYLATE ESTER'
3 non-polymer 'MAGNESIUM ION'
4 non-polymer "N-(3-fluoro-4-{[4-methyl-2-oxo-7-(pyrimidin-2-yloxy)-2H-chromen-3-yl]methyl}pyridin-2-yl)-N'-methylsulfuric diamide"
5 non-polymer 'TETRAETHYLENE GLYCOL'
6 non-polymer 'CHLORIDE ION'
7 water water
#
_entity_poly.entity_id   1
_entity_poly.type   'polypeptide(L)'
_entity_poly.pdbx_seq_one_letter_code
;MELKDDDFEKISELGAGNGGVVFKVSHKPSGLVMARKLIHLEIKPAIRNQIIRELQVLHECNSPYIVGFYGAFYSDGEIS
ICMEHMDGGSLDQVLKKAGRIPEQILGKVSIAVIKGLTYLREKHKIMHRDVKPSNILVNSRGEIKLCDFGVSGQLIDSMA
NSFVGTRSYMSPERLQGTHYSVQSDIWSMGLSLVEMAVGRYPIPPPDAKEDSRPPMAIFELLDYIVNEPPPKLPSGVFSL
EFQDFVNKCLIKNPAERADLKQLMVHAFIKRSDAEEVDFAGWLCSTIGLNQPSTPTHAAGVHHHHHH
;
_entity_poly.pdbx_strand_id   A
#
loop_
_chem_comp.id
_chem_comp.type
_chem_comp.name
_chem_comp.formula
ANP non-polymer 'PHOSPHOAMINOPHOSPHONIC ACID-ADENYLATE ESTER' 'C10 H17 N6 O12 P3'
CHU non-polymer 'N-(3-fluoro-4-{[4-methyl-2-oxo-7-(pyrimidin-2-yloxy)-2H-chromen-3-yl]methyl}pyridin-2-yl)-N'-methylsulfuric diamide' 'C21 H18 F N5 O5 S'
CL non-polymer 'CHLORIDE ION' 'Cl -1'
MG non-polymer 'MAGNESIUM ION' 'Mg 2'
PG4 non-polymer 'TETRAETHYLENE GLYCOL' 'C8 H18 O5'
#
# COMPACT_ATOMS: atom_id res chain seq x y z
N MET A 1 -14.21 -18.26 4.43
CA MET A 1 -13.89 -19.63 3.96
C MET A 1 -13.85 -20.61 5.15
N GLU A 2 -14.12 -20.10 6.35
CA GLU A 2 -14.09 -20.90 7.57
C GLU A 2 -12.70 -21.46 7.84
N LEU A 3 -11.89 -20.67 8.55
CA LEU A 3 -10.52 -21.03 8.87
C LEU A 3 -10.37 -21.08 10.39
N LYS A 4 -9.50 -21.96 10.88
CA LYS A 4 -9.19 -21.99 12.30
C LYS A 4 -7.72 -22.37 12.45
N ASP A 5 -7.11 -21.98 13.58
CA ASP A 5 -5.67 -22.10 13.74
C ASP A 5 -5.14 -23.53 13.57
N ASP A 6 -5.99 -24.53 13.75
CA ASP A 6 -5.56 -25.91 13.56
C ASP A 6 -5.31 -26.27 12.10
N ASP A 7 -6.06 -25.61 11.21
CA ASP A 7 -5.96 -25.87 9.79
C ASP A 7 -4.56 -25.56 9.26
N PHE A 8 -3.84 -24.66 9.92
CA PHE A 8 -2.64 -24.05 9.35
C PHE A 8 -1.31 -24.66 9.75
N GLU A 9 -0.29 -24.29 8.99
CA GLU A 9 1.06 -24.81 9.17
C GLU A 9 2.04 -23.85 8.52
N LYS A 10 3.07 -23.44 9.25
CA LYS A 10 3.98 -22.41 8.78
C LYS A 10 4.98 -22.98 7.78
N ILE A 11 5.18 -22.26 6.69
CA ILE A 11 6.17 -22.65 5.70
C ILE A 11 7.40 -21.78 5.91
N SER A 12 7.19 -20.47 5.95
CA SER A 12 8.28 -19.56 6.21
C SER A 12 7.74 -18.24 6.72
N GLU A 13 8.63 -17.26 6.85
CA GLU A 13 8.21 -15.93 7.27
C GLU A 13 8.42 -14.94 6.12
N LEU A 14 7.48 -14.02 5.96
CA LEU A 14 7.49 -13.13 4.80
C LEU A 14 7.92 -11.72 5.18
N GLY A 15 7.81 -11.40 6.46
CA GLY A 15 8.21 -10.09 6.96
C GLY A 15 7.41 -9.73 8.19
N ALA A 16 7.67 -8.54 8.74
CA ALA A 16 6.82 -7.95 9.78
C ALA A 16 6.89 -6.42 9.78
N GLY A 17 6.08 -5.79 10.61
CA GLY A 17 6.03 -4.33 10.66
C GLY A 17 5.86 -3.78 12.05
N VAL A 21 3.12 -9.32 12.16
CA VAL A 21 4.02 -10.20 11.40
C VAL A 21 3.20 -11.09 10.46
N VAL A 22 3.87 -11.58 9.41
CA VAL A 22 3.17 -12.28 8.34
C VAL A 22 3.90 -13.57 7.98
N PHE A 23 3.18 -14.68 8.05
CA PHE A 23 3.76 -15.96 7.66
C PHE A 23 3.23 -16.42 6.31
N LYS A 24 4.05 -17.14 5.56
CA LYS A 24 3.54 -17.97 4.49
C LYS A 24 3.15 -19.32 5.08
N VAL A 25 1.85 -19.63 4.99
CA VAL A 25 1.31 -20.85 5.57
C VAL A 25 0.70 -21.78 4.54
N SER A 26 0.65 -23.06 4.90
CA SER A 26 -0.15 -24.02 4.18
C SER A 26 -1.46 -24.23 4.91
N HIS A 27 -2.58 -23.96 4.24
CA HIS A 27 -3.87 -24.30 4.80
C HIS A 27 -4.17 -25.76 4.49
N LYS A 28 -3.82 -26.65 5.42
CA LYS A 28 -3.81 -28.08 5.16
C LYS A 28 -5.12 -28.65 4.59
N PRO A 29 -6.27 -28.33 5.18
CA PRO A 29 -7.47 -29.01 4.70
C PRO A 29 -7.81 -28.73 3.23
N SER A 30 -7.34 -27.60 2.69
CA SER A 30 -7.69 -27.23 1.31
C SER A 30 -6.52 -27.33 0.35
N GLY A 31 -5.29 -27.39 0.88
CA GLY A 31 -4.13 -27.44 0.02
C GLY A 31 -3.58 -26.07 -0.34
N LEU A 32 -4.32 -25.02 0.00
CA LEU A 32 -3.93 -23.65 -0.35
C LEU A 32 -2.66 -23.18 0.36
N VAL A 33 -1.85 -22.42 -0.36
CA VAL A 33 -0.75 -21.67 0.26
C VAL A 33 -1.22 -20.22 0.42
N MET A 34 -1.17 -19.70 1.65
CA MET A 34 -1.75 -18.40 1.95
C MET A 34 -0.73 -17.53 2.69
N ALA A 35 -0.95 -16.22 2.68
CA ALA A 35 -0.21 -15.33 3.58
C ALA A 35 -1.09 -15.03 4.78
N ARG A 36 -0.53 -15.25 5.97
CA ARG A 36 -1.26 -15.06 7.20
C ARG A 36 -0.69 -13.92 8.03
N LYS A 37 -1.48 -12.86 8.20
CA LYS A 37 -1.10 -11.75 9.05
C LYS A 37 -1.70 -11.95 10.43
N LEU A 38 -0.88 -11.82 11.46
CA LEU A 38 -1.37 -11.84 12.82
C LEU A 38 -1.28 -10.44 13.38
N ILE A 39 -2.40 -9.93 13.89
CA ILE A 39 -2.42 -8.64 14.56
C ILE A 39 -2.72 -8.83 16.04
N HIS A 40 -1.82 -8.36 16.89
CA HIS A 40 -2.01 -8.46 18.33
C HIS A 40 -2.62 -7.19 18.91
N LEU A 41 -3.74 -7.32 19.60
CA LEU A 41 -4.40 -6.17 20.21
C LEU A 41 -4.96 -6.48 21.60
N GLU A 42 -4.62 -5.63 22.56
CA GLU A 42 -5.09 -5.80 23.95
C GLU A 42 -6.50 -5.25 24.12
N ILE A 43 -7.48 -5.85 23.47
CA ILE A 43 -8.79 -5.20 23.37
C ILE A 43 -9.95 -6.03 23.86
N LYS A 44 -11.01 -5.35 24.29
CA LYS A 44 -12.22 -6.03 24.73
C LYS A 44 -12.73 -7.01 23.68
N PRO A 45 -13.12 -8.20 24.11
CA PRO A 45 -13.65 -9.22 23.20
C PRO A 45 -14.73 -8.67 22.28
N ALA A 46 -15.49 -7.69 22.77
CA ALA A 46 -16.67 -7.24 22.04
C ALA A 46 -16.31 -6.51 20.76
N ILE A 47 -15.27 -5.69 20.80
CA ILE A 47 -14.89 -4.94 19.61
C ILE A 47 -14.13 -5.89 18.68
N ARG A 48 -13.38 -6.80 19.27
CA ARG A 48 -12.65 -7.79 18.49
C ARG A 48 -13.56 -8.50 17.49
N ASN A 49 -14.70 -8.98 17.97
CA ASN A 49 -15.66 -9.65 17.09
C ASN A 49 -16.19 -8.70 16.02
N GLN A 50 -16.18 -7.40 16.31
CA GLN A 50 -16.63 -6.41 15.34
C GLN A 50 -15.62 -6.23 14.21
N ILE A 51 -14.34 -6.34 14.56
CA ILE A 51 -13.30 -6.25 13.56
C ILE A 51 -13.52 -7.40 12.60
N ILE A 52 -13.60 -8.61 13.14
CA ILE A 52 -13.82 -9.80 12.34
C ILE A 52 -15.04 -9.63 11.44
N ARG A 53 -16.16 -9.29 12.07
CA ARG A 53 -17.39 -9.04 11.35
C ARG A 53 -17.16 -8.08 10.18
N GLU A 54 -16.38 -7.03 10.42
CA GLU A 54 -16.13 -6.01 9.41
C GLU A 54 -15.16 -6.44 8.31
N LEU A 55 -14.26 -7.35 8.64
CA LEU A 55 -13.28 -7.83 7.67
C LEU A 55 -13.96 -8.71 6.62
N GLN A 56 -15.05 -9.35 7.01
CA GLN A 56 -15.84 -10.18 6.11
C GLN A 56 -16.20 -9.46 4.81
N VAL A 57 -16.15 -8.13 4.81
CA VAL A 57 -16.40 -7.40 3.58
C VAL A 57 -15.38 -7.77 2.50
N LEU A 58 -14.19 -8.16 2.93
CA LEU A 58 -13.12 -8.46 2.00
C LEU A 58 -13.49 -9.62 1.06
N HIS A 59 -14.41 -10.48 1.48
CA HIS A 59 -14.84 -11.56 0.61
C HIS A 59 -15.52 -11.05 -0.65
N GLU A 60 -15.98 -9.81 -0.61
CA GLU A 60 -16.69 -9.23 -1.74
C GLU A 60 -15.77 -8.38 -2.62
N CYS A 61 -14.50 -8.30 -2.26
CA CYS A 61 -13.55 -7.67 -3.16
C CYS A 61 -13.15 -8.64 -4.23
N ASN A 62 -13.19 -8.17 -5.47
CA ASN A 62 -12.77 -8.97 -6.60
C ASN A 62 -12.19 -8.04 -7.65
N SER A 63 -10.90 -7.79 -7.55
CA SER A 63 -10.21 -6.95 -8.52
C SER A 63 -8.82 -7.54 -8.75
N PRO A 64 -8.38 -7.57 -10.01
CA PRO A 64 -7.00 -7.95 -10.32
C PRO A 64 -5.97 -7.00 -9.72
N TYR A 65 -6.43 -5.88 -9.17
CA TYR A 65 -5.53 -4.90 -8.60
C TYR A 65 -5.54 -4.92 -7.07
N ILE A 66 -6.31 -5.87 -6.52
CA ILE A 66 -6.47 -5.99 -5.08
C ILE A 66 -6.08 -7.38 -4.62
N VAL A 67 -5.27 -7.49 -3.58
CA VAL A 67 -4.86 -8.79 -3.05
C VAL A 67 -6.06 -9.59 -2.59
N GLY A 68 -6.04 -10.89 -2.85
CA GLY A 68 -7.16 -11.74 -2.46
C GLY A 68 -7.25 -12.00 -0.98
N PHE A 69 -8.47 -12.27 -0.50
CA PHE A 69 -8.75 -12.48 0.92
C PHE A 69 -9.39 -13.85 1.11
N TYR A 70 -8.90 -14.63 2.07
CA TYR A 70 -9.53 -15.92 2.34
C TYR A 70 -10.40 -15.90 3.58
N GLY A 71 -9.99 -15.15 4.59
CA GLY A 71 -10.79 -15.04 5.79
C GLY A 71 -10.02 -14.50 6.97
N ALA A 72 -10.74 -13.95 7.94
CA ALA A 72 -10.14 -13.50 9.19
C ALA A 72 -10.81 -14.16 10.39
N PHE A 73 -10.02 -14.51 11.38
CA PHE A 73 -10.54 -15.12 12.59
C PHE A 73 -9.67 -14.75 13.79
N TYR A 74 -10.16 -15.04 14.98
CA TYR A 74 -9.42 -14.71 16.21
C TYR A 74 -8.93 -15.97 16.92
N SER A 75 -7.74 -15.91 17.49
CA SER A 75 -7.19 -17.05 18.21
C SER A 75 -5.92 -16.70 19.00
N ASP A 76 -5.94 -17.01 20.30
CA ASP A 76 -4.78 -16.79 21.16
C ASP A 76 -4.37 -15.33 21.20
N GLY A 77 -5.34 -14.44 21.28
CA GLY A 77 -5.04 -13.02 21.37
C GLY A 77 -4.50 -12.45 20.08
N GLU A 78 -4.64 -13.22 18.99
CA GLU A 78 -4.23 -12.76 17.67
C GLU A 78 -5.43 -12.66 16.73
N ILE A 79 -5.57 -11.52 16.06
CA ILE A 79 -6.42 -11.45 14.87
C ILE A 79 -5.61 -12.00 13.71
N SER A 80 -6.17 -13.01 13.04
CA SER A 80 -5.52 -13.54 11.85
C SER A 80 -6.24 -13.08 10.59
N ILE A 81 -5.49 -12.46 9.69
CA ILE A 81 -6.03 -12.12 8.39
C ILE A 81 -5.32 -12.93 7.31
N CYS A 82 -6.07 -13.79 6.64
CA CYS A 82 -5.49 -14.74 5.70
C CYS A 82 -5.72 -14.30 4.26
N MET A 83 -4.64 -14.27 3.49
CA MET A 83 -4.62 -13.59 2.22
C MET A 83 -3.99 -14.41 1.11
N GLU A 84 -4.21 -13.95 -0.11
CA GLU A 84 -3.44 -14.40 -1.26
C GLU A 84 -1.95 -14.20 -0.98
N HIS A 85 -1.15 -15.23 -1.20
CA HIS A 85 0.29 -15.13 -1.07
C HIS A 85 0.89 -14.50 -2.34
N MET A 86 1.62 -13.40 -2.18
CA MET A 86 2.23 -12.74 -3.33
C MET A 86 3.74 -13.00 -3.35
N ASP A 87 4.14 -13.94 -4.20
CA ASP A 87 5.50 -14.47 -4.16
C ASP A 87 6.54 -13.42 -4.51
N GLY A 88 6.10 -12.22 -4.87
CA GLY A 88 7.03 -11.17 -5.21
C GLY A 88 7.34 -10.27 -4.02
N GLY A 89 6.52 -10.34 -2.98
CA GLY A 89 6.68 -9.44 -1.87
C GLY A 89 6.19 -8.03 -2.17
N SER A 90 6.56 -7.08 -1.33
CA SER A 90 6.13 -5.69 -1.49
C SER A 90 7.16 -4.90 -2.30
N LEU A 91 6.73 -3.79 -2.89
CA LEU A 91 7.64 -2.93 -3.64
C LEU A 91 8.65 -2.31 -2.68
N ASP A 92 8.37 -2.42 -1.38
CA ASP A 92 9.30 -1.94 -0.37
C ASP A 92 10.47 -2.92 -0.29
N GLN A 93 10.16 -4.21 -0.31
CA GLN A 93 11.20 -5.23 -0.33
C GLN A 93 11.95 -5.16 -1.64
N VAL A 94 11.23 -5.12 -2.74
CA VAL A 94 11.87 -5.04 -4.04
C VAL A 94 12.79 -3.83 -4.09
N LEU A 95 12.37 -2.73 -3.49
CA LEU A 95 13.18 -1.51 -3.51
C LEU A 95 14.53 -1.70 -2.83
N LYS A 96 14.54 -2.47 -1.74
CA LYS A 96 15.79 -2.85 -1.07
C LYS A 96 16.77 -3.51 -2.02
N LYS A 97 16.35 -4.62 -2.62
CA LYS A 97 17.21 -5.38 -3.52
C LYS A 97 17.62 -4.58 -4.76
N ALA A 98 16.79 -3.66 -5.20
CA ALA A 98 17.02 -2.96 -6.46
C ALA A 98 17.64 -1.58 -6.28
N GLY A 99 17.57 -1.03 -5.08
CA GLY A 99 18.16 0.27 -4.85
C GLY A 99 17.26 1.40 -5.31
N ARG A 100 16.84 1.37 -6.56
CA ARG A 100 15.76 2.23 -7.02
C ARG A 100 15.01 1.54 -8.15
N ILE A 101 13.75 1.92 -8.33
CA ILE A 101 12.91 1.30 -9.35
C ILE A 101 12.80 2.23 -10.54
N PRO A 102 13.03 1.69 -11.75
CA PRO A 102 12.97 2.46 -13.00
C PRO A 102 11.58 3.06 -13.26
N GLU A 103 11.55 4.26 -13.82
CA GLU A 103 10.30 4.97 -13.98
C GLU A 103 9.30 4.28 -14.90
N GLN A 104 9.76 3.53 -15.89
CA GLN A 104 8.79 2.80 -16.70
C GLN A 104 8.10 1.72 -15.87
N ILE A 105 8.84 1.07 -14.97
CA ILE A 105 8.20 0.16 -14.00
C ILE A 105 7.24 0.92 -13.08
N LEU A 106 7.62 2.11 -12.65
CA LEU A 106 6.75 2.89 -11.78
C LEU A 106 5.52 3.37 -12.53
N GLY A 107 5.62 3.47 -13.85
CA GLY A 107 4.46 3.81 -14.64
C GLY A 107 3.39 2.73 -14.51
N LYS A 108 3.82 1.48 -14.60
CA LYS A 108 2.90 0.35 -14.49
C LYS A 108 2.34 0.28 -13.08
N VAL A 109 3.21 0.49 -12.09
CA VAL A 109 2.80 0.50 -10.71
C VAL A 109 1.70 1.54 -10.50
N SER A 110 1.93 2.74 -11.01
CA SER A 110 0.99 3.84 -10.88
C SER A 110 -0.38 3.49 -11.45
N ILE A 111 -0.38 2.89 -12.63
CA ILE A 111 -1.63 2.48 -13.25
C ILE A 111 -2.31 1.44 -12.35
N ALA A 112 -1.56 0.44 -11.90
CA ALA A 112 -2.07 -0.57 -10.98
C ALA A 112 -2.70 0.08 -9.75
N VAL A 113 -1.95 0.96 -9.09
CA VAL A 113 -2.47 1.63 -7.93
C VAL A 113 -3.71 2.45 -8.28
N ILE A 114 -3.64 3.22 -9.35
CA ILE A 114 -4.76 4.09 -9.64
C ILE A 114 -6.00 3.24 -9.82
N LYS A 115 -5.86 2.12 -10.53
CA LYS A 115 -7.00 1.25 -10.80
C LYS A 115 -7.55 0.63 -9.52
N GLY A 116 -6.65 0.22 -8.62
CA GLY A 116 -7.10 -0.43 -7.40
C GLY A 116 -7.81 0.53 -6.48
N LEU A 117 -7.32 1.76 -6.40
CA LEU A 117 -7.97 2.79 -5.61
C LEU A 117 -9.33 3.03 -6.20
N THR A 118 -9.40 3.15 -7.51
CA THR A 118 -10.68 3.49 -8.10
C THR A 118 -11.68 2.35 -7.95
N TYR A 119 -11.22 1.10 -8.03
CA TYR A 119 -12.11 -0.02 -7.78
C TYR A 119 -12.65 0.00 -6.35
N LEU A 120 -11.77 0.22 -5.38
CA LEU A 120 -12.19 0.23 -3.99
C LEU A 120 -13.22 1.34 -3.74
N ARG A 121 -12.95 2.53 -4.30
CA ARG A 121 -13.78 3.70 -4.05
C ARG A 121 -15.15 3.57 -4.72
N GLU A 122 -15.22 2.85 -5.82
CA GLU A 122 -16.45 2.82 -6.59
C GLU A 122 -17.33 1.62 -6.27
N LYS A 123 -16.73 0.48 -5.99
CA LYS A 123 -17.53 -0.71 -5.74
C LYS A 123 -17.84 -0.89 -4.27
N HIS A 124 -17.13 -0.17 -3.41
CA HIS A 124 -17.26 -0.35 -1.98
C HIS A 124 -17.21 0.97 -1.22
N LYS A 125 -17.05 2.06 -1.95
CA LYS A 125 -17.01 3.39 -1.34
C LYS A 125 -16.04 3.46 -0.17
N ILE A 126 -14.91 2.76 -0.25
CA ILE A 126 -13.91 2.85 0.82
C ILE A 126 -12.59 3.41 0.31
N MET A 127 -11.90 4.14 1.18
CA MET A 127 -10.56 4.61 0.87
C MET A 127 -9.54 3.63 1.38
N HIS A 128 -8.31 3.75 0.89
CA HIS A 128 -7.27 2.81 1.24
C HIS A 128 -6.71 3.18 2.59
N ARG A 129 -6.30 4.44 2.71
CA ARG A 129 -5.79 5.03 3.96
C ARG A 129 -4.37 4.66 4.28
N ASP A 130 -3.78 3.73 3.53
CA ASP A 130 -2.41 3.32 3.80
C ASP A 130 -1.64 2.89 2.54
N VAL A 131 -1.64 3.74 1.52
CA VAL A 131 -0.86 3.51 0.31
C VAL A 131 0.60 3.86 0.53
N LYS A 132 1.46 2.89 0.30
CA LYS A 132 2.91 3.09 0.40
C LYS A 132 3.59 1.84 -0.12
N PRO A 133 4.90 1.92 -0.39
CA PRO A 133 5.61 0.80 -1.02
C PRO A 133 5.41 -0.57 -0.38
N SER A 134 5.29 -0.63 0.94
CA SER A 134 5.19 -1.93 1.61
C SER A 134 3.80 -2.54 1.45
N ASN A 135 2.83 -1.72 1.06
CA ASN A 135 1.48 -2.21 0.86
C ASN A 135 1.13 -2.41 -0.61
N ILE A 136 2.12 -2.22 -1.48
CA ILE A 136 1.97 -2.60 -2.88
C ILE A 136 2.75 -3.89 -3.11
N LEU A 137 2.04 -4.95 -3.48
CA LEU A 137 2.64 -6.26 -3.58
C LEU A 137 2.69 -6.68 -5.03
N VAL A 138 3.72 -7.44 -5.37
CA VAL A 138 3.91 -7.88 -6.74
C VAL A 138 4.15 -9.37 -6.70
N ASN A 139 4.01 -10.02 -7.85
CA ASN A 139 4.22 -11.46 -7.95
C ASN A 139 4.87 -11.82 -9.28
N SER A 140 5.16 -13.11 -9.46
CA SER A 140 5.95 -13.55 -10.60
C SER A 140 5.12 -13.66 -11.87
N ARG A 141 3.81 -13.51 -11.76
CA ARG A 141 3.00 -13.34 -12.96
C ARG A 141 3.03 -11.88 -13.40
N GLY A 142 3.75 -11.06 -12.65
CA GLY A 142 3.92 -9.67 -13.03
C GLY A 142 2.81 -8.75 -12.55
N GLU A 143 1.99 -9.27 -11.64
CA GLU A 143 0.85 -8.52 -11.12
C GLU A 143 1.26 -7.56 -10.01
N ILE A 144 0.55 -6.43 -9.94
CA ILE A 144 0.78 -5.40 -8.93
C ILE A 144 -0.54 -5.19 -8.21
N LYS A 145 -0.57 -5.42 -6.91
CA LYS A 145 -1.83 -5.33 -6.15
C LYS A 145 -1.72 -4.58 -4.83
N LEU A 146 -2.77 -3.82 -4.50
CA LEU A 146 -2.84 -3.12 -3.23
C LEU A 146 -3.30 -4.04 -2.11
N CYS A 147 -2.84 -3.75 -0.90
CA CYS A 147 -3.18 -4.55 0.26
C CYS A 147 -3.36 -3.67 1.49
N ASP A 148 -3.90 -4.26 2.55
CA ASP A 148 -3.98 -3.59 3.84
C ASP A 148 -4.72 -2.28 3.79
N PHE A 149 -5.84 -2.21 3.09
CA PHE A 149 -6.60 -0.96 3.11
C PHE A 149 -7.56 -0.95 4.27
N GLY A 150 -8.12 0.22 4.55
CA GLY A 150 -8.91 0.42 5.75
C GLY A 150 -10.32 -0.09 5.60
N VAL A 151 -10.49 -1.40 5.76
CA VAL A 151 -11.77 -2.00 5.52
C VAL A 151 -12.61 -1.98 6.81
N SER A 152 -11.94 -2.07 7.94
CA SER A 152 -12.59 -2.09 9.26
C SER A 152 -12.35 -0.84 10.11
N GLY A 153 -13.38 -0.02 10.28
CA GLY A 153 -13.26 1.18 11.09
C GLY A 153 -12.85 0.92 12.53
N GLN A 154 -13.13 -0.28 13.02
CA GLN A 154 -12.76 -0.59 14.40
C GLN A 154 -11.28 -0.93 14.47
N LEU A 155 -10.79 -1.63 13.45
CA LEU A 155 -9.39 -2.01 13.40
C LEU A 155 -8.53 -0.76 13.26
N ILE A 156 -8.93 0.13 12.36
CA ILE A 156 -8.23 1.40 12.20
C ILE A 156 -8.12 2.11 13.54
N ASP A 157 -9.25 2.25 14.22
CA ASP A 157 -9.28 2.97 15.49
C ASP A 157 -8.40 2.33 16.55
N SER A 158 -8.31 1.00 16.53
CA SER A 158 -7.57 0.27 17.54
C SER A 158 -6.07 0.34 17.32
N MET A 159 -5.64 0.58 16.09
CA MET A 159 -4.21 0.49 15.78
C MET A 159 -3.50 1.82 15.94
N ALA A 160 -4.26 2.90 15.85
CA ALA A 160 -3.70 4.24 16.07
C ALA A 160 -2.40 4.42 15.30
N ASN A 161 -2.46 4.15 13.99
CA ASN A 161 -1.25 4.04 13.20
C ASN A 161 -0.55 5.37 12.97
N SER A 162 -1.28 6.47 13.05
CA SER A 162 -0.73 7.77 12.70
C SER A 162 0.54 8.16 13.47
N PHE A 163 0.74 7.55 14.64
CA PHE A 163 1.83 7.99 15.51
C PHE A 163 2.94 6.96 15.57
N VAL A 164 2.78 5.87 14.85
CA VAL A 164 3.75 4.79 14.94
C VAL A 164 4.65 4.71 13.69
N GLY A 165 5.79 4.05 13.83
CA GLY A 165 6.68 3.88 12.71
C GLY A 165 7.52 5.11 12.44
N THR A 166 8.52 4.95 11.58
CA THR A 166 9.50 6.01 11.36
C THR A 166 9.16 6.88 10.15
N ARG A 167 8.41 6.35 9.19
CA ARG A 167 7.99 7.15 8.05
C ARG A 167 6.49 7.40 8.05
N SER A 168 6.08 8.50 7.45
CA SER A 168 4.66 8.79 7.34
C SER A 168 4.31 9.23 5.94
N TYR A 169 3.20 8.73 5.43
CA TYR A 169 2.74 9.14 4.11
C TYR A 169 1.43 9.89 4.28
N MET A 170 1.21 10.44 5.46
CA MET A 170 -0.01 11.19 5.73
C MET A 170 0.01 12.51 4.98
N SER A 171 -1.16 13.02 4.64
CA SER A 171 -1.26 14.24 3.85
C SER A 171 -1.33 15.46 4.76
N PRO A 172 -1.05 16.64 4.23
CA PRO A 172 -1.17 17.85 5.05
C PRO A 172 -2.58 18.12 5.56
N GLU A 173 -3.59 17.95 4.71
CA GLU A 173 -4.97 18.21 5.16
C GLU A 173 -5.28 17.39 6.41
N ARG A 174 -4.98 16.10 6.35
CA ARG A 174 -5.38 15.21 7.42
C ARG A 174 -4.68 15.59 8.73
N LEU A 175 -3.44 16.05 8.62
CA LEU A 175 -2.66 16.40 9.78
C LEU A 175 -3.08 17.78 10.27
N GLN A 176 -4.04 18.37 9.56
CA GLN A 176 -4.65 19.62 9.99
C GLN A 176 -6.16 19.46 10.18
N GLY A 177 -6.60 18.24 10.48
CA GLY A 177 -7.97 18.05 10.91
C GLY A 177 -9.02 17.91 9.83
N THR A 178 -8.60 17.58 8.61
CA THR A 178 -9.57 17.37 7.55
C THR A 178 -10.08 15.94 7.59
N HIS A 179 -11.28 15.72 7.07
CA HIS A 179 -11.82 14.37 6.89
C HIS A 179 -10.96 13.66 5.86
N TYR A 180 -10.93 12.34 5.91
CA TYR A 180 -10.14 11.57 4.96
C TYR A 180 -10.90 11.50 3.66
N SER A 181 -10.19 11.60 2.54
CA SER A 181 -10.81 11.40 1.23
C SER A 181 -9.81 10.82 0.24
N VAL A 182 -10.22 10.66 -1.00
CA VAL A 182 -9.38 10.00 -1.98
C VAL A 182 -8.11 10.80 -2.26
N GLN A 183 -8.25 12.12 -2.27
CA GLN A 183 -7.11 13.01 -2.52
C GLN A 183 -5.95 12.68 -1.59
N SER A 184 -6.26 12.15 -0.41
CA SER A 184 -5.24 11.78 0.56
C SER A 184 -4.43 10.56 0.12
N ASP A 185 -5.07 9.61 -0.54
CA ASP A 185 -4.37 8.46 -1.08
C ASP A 185 -3.46 8.86 -2.25
N ILE A 186 -3.90 9.86 -3.03
CA ILE A 186 -3.08 10.39 -4.13
C ILE A 186 -1.75 10.95 -3.62
N TRP A 187 -1.79 11.68 -2.52
CA TRP A 187 -0.57 12.24 -1.93
C TRP A 187 0.36 11.10 -1.54
N SER A 188 -0.20 10.05 -0.97
CA SER A 188 0.62 8.94 -0.53
C SER A 188 1.27 8.25 -1.72
N MET A 189 0.51 8.08 -2.79
CA MET A 189 1.04 7.40 -3.96
C MET A 189 2.17 8.22 -4.55
N GLY A 190 1.93 9.52 -4.71
CA GLY A 190 2.98 10.40 -5.18
C GLY A 190 4.21 10.32 -4.29
N LEU A 191 3.97 10.34 -2.98
CA LEU A 191 5.05 10.24 -2.02
C LEU A 191 5.79 8.91 -2.15
N SER A 192 5.05 7.85 -2.47
CA SER A 192 5.65 6.52 -2.60
C SER A 192 6.44 6.44 -3.89
N LEU A 193 5.91 7.06 -4.94
CA LEU A 193 6.57 7.03 -6.24
C LEU A 193 7.93 7.70 -6.13
N VAL A 194 7.98 8.88 -5.51
CA VAL A 194 9.26 9.54 -5.30
C VAL A 194 10.21 8.67 -4.47
N GLU A 195 9.70 8.04 -3.42
CA GLU A 195 10.55 7.18 -2.61
C GLU A 195 11.15 6.05 -3.43
N MET A 196 10.34 5.41 -4.27
CA MET A 196 10.82 4.27 -5.04
C MET A 196 11.69 4.72 -6.22
N ALA A 197 11.44 5.93 -6.71
CA ALA A 197 12.22 6.45 -7.83
C ALA A 197 13.65 6.84 -7.43
N VAL A 198 13.80 7.47 -6.26
CA VAL A 198 15.09 7.98 -5.86
C VAL A 198 15.81 7.03 -4.92
N GLY A 199 15.07 6.09 -4.34
CA GLY A 199 15.69 5.08 -3.51
C GLY A 199 15.64 5.34 -2.02
N ARG A 200 14.98 6.42 -1.60
CA ARG A 200 14.91 6.77 -0.18
C ARG A 200 13.73 7.69 0.17
N TYR A 201 13.14 7.45 1.33
CA TYR A 201 11.99 8.20 1.80
C TYR A 201 12.26 9.71 1.74
N PRO A 202 11.46 10.45 0.96
CA PRO A 202 11.75 11.80 0.46
C PRO A 202 11.65 12.93 1.48
N ILE A 203 11.33 12.60 2.72
CA ILE A 203 11.11 13.62 3.75
C ILE A 203 12.04 13.44 4.94
N PRO A 204 12.93 14.41 5.17
CA PRO A 204 13.15 15.64 4.39
C PRO A 204 14.00 15.37 3.16
N PRO A 205 14.18 16.40 2.31
CA PRO A 205 15.19 16.28 1.24
C PRO A 205 16.59 16.11 1.81
N PRO A 206 17.50 15.48 1.05
CA PRO A 206 18.85 15.14 1.53
C PRO A 206 19.83 16.32 1.49
N PRO A 214 20.83 13.66 12.43
CA PRO A 214 19.88 13.09 13.42
C PRO A 214 18.47 12.77 12.86
N PRO A 215 18.03 11.52 12.99
CA PRO A 215 16.74 11.10 12.41
C PRO A 215 15.56 11.84 13.06
N MET A 216 14.56 12.20 12.24
CA MET A 216 13.32 12.80 12.72
C MET A 216 12.42 11.73 13.32
N ALA A 217 11.97 11.95 14.55
CA ALA A 217 10.96 11.08 15.13
C ALA A 217 9.61 11.46 14.53
N ILE A 218 8.59 10.64 14.77
CA ILE A 218 7.37 10.74 14.00
C ILE A 218 6.79 12.15 14.04
N PHE A 219 6.85 12.81 15.20
CA PHE A 219 6.16 14.08 15.39
C PHE A 219 6.82 15.25 14.66
N GLU A 220 8.14 15.29 14.63
CA GLU A 220 8.82 16.32 13.85
C GLU A 220 8.53 16.09 12.37
N LEU A 221 8.50 14.82 12.01
CA LEU A 221 8.20 14.42 10.65
C LEU A 221 6.83 14.96 10.25
N LEU A 222 5.80 14.65 11.03
CA LEU A 222 4.44 15.10 10.74
C LEU A 222 4.38 16.61 10.62
N ASP A 223 5.05 17.29 11.55
CA ASP A 223 5.06 18.74 11.53
C ASP A 223 5.73 19.27 10.27
N TYR A 224 6.81 18.62 9.87
CA TYR A 224 7.51 18.96 8.62
C TYR A 224 6.56 18.88 7.44
N ILE A 225 5.78 17.81 7.39
CA ILE A 225 4.88 17.57 6.28
C ILE A 225 3.85 18.67 6.11
N VAL A 226 3.36 19.24 7.21
CA VAL A 226 2.31 20.25 7.11
C VAL A 226 2.92 21.61 6.85
N ASN A 227 4.20 21.77 7.17
CA ASN A 227 4.82 23.09 7.12
C ASN A 227 5.74 23.35 5.94
N GLU A 228 6.54 22.36 5.56
CA GLU A 228 7.49 22.54 4.47
C GLU A 228 6.88 22.27 3.10
N PRO A 229 7.55 22.73 2.04
CA PRO A 229 7.07 22.40 0.69
C PRO A 229 7.26 20.93 0.39
N PRO A 230 6.42 20.38 -0.51
CA PRO A 230 6.41 18.95 -0.81
C PRO A 230 7.70 18.58 -1.50
N PRO A 231 8.09 17.30 -1.42
CA PRO A 231 9.31 16.84 -2.09
C PRO A 231 9.09 16.79 -3.60
N LYS A 232 10.18 16.67 -4.36
CA LYS A 232 10.06 16.46 -5.80
C LYS A 232 11.21 15.60 -6.33
N LEU A 233 11.06 15.14 -7.57
CA LEU A 233 12.09 14.35 -8.22
C LEU A 233 13.27 15.21 -8.66
N PRO A 234 14.49 14.66 -8.57
CA PRO A 234 15.70 15.32 -9.05
C PRO A 234 15.68 15.61 -10.56
N SER A 235 16.64 16.40 -11.02
CA SER A 235 16.42 17.31 -12.14
C SER A 235 16.72 16.75 -13.54
N GLY A 236 17.52 15.70 -13.61
CA GLY A 236 17.93 15.19 -14.91
C GLY A 236 17.54 13.75 -15.15
N VAL A 237 17.52 12.97 -14.08
CA VAL A 237 17.35 11.52 -14.18
C VAL A 237 16.02 11.07 -14.79
N PHE A 238 14.99 11.91 -14.66
CA PHE A 238 13.63 11.47 -14.96
C PHE A 238 12.95 12.32 -16.01
N SER A 239 12.07 11.72 -16.80
CA SER A 239 11.34 12.47 -17.82
C SER A 239 10.55 13.61 -17.18
N LEU A 240 10.17 14.59 -17.98
CA LEU A 240 9.42 15.73 -17.46
C LEU A 240 7.97 15.33 -17.20
N GLU A 241 7.51 14.31 -17.92
CA GLU A 241 6.15 13.82 -17.72
C GLU A 241 6.01 13.11 -16.37
N PHE A 242 7.00 12.31 -16.01
CA PHE A 242 7.01 11.65 -14.72
C PHE A 242 7.01 12.72 -13.64
N GLN A 243 7.99 13.62 -13.73
CA GLN A 243 8.11 14.74 -12.81
C GLN A 243 6.78 15.43 -12.60
N ASP A 244 6.12 15.79 -13.70
CA ASP A 244 4.89 16.55 -13.57
C ASP A 244 3.80 15.74 -12.88
N PHE A 245 3.71 14.46 -13.22
CA PHE A 245 2.78 13.53 -12.59
C PHE A 245 2.96 13.54 -11.08
N VAL A 246 4.16 13.19 -10.63
CA VAL A 246 4.47 13.18 -9.22
C VAL A 246 4.15 14.52 -8.56
N ASN A 247 4.38 15.61 -9.30
CA ASN A 247 4.17 16.94 -8.76
C ASN A 247 2.69 17.26 -8.57
N LYS A 248 1.85 16.73 -9.46
CA LYS A 248 0.41 16.93 -9.36
C LYS A 248 -0.14 16.09 -8.21
N CYS A 249 0.59 15.05 -7.83
CA CYS A 249 0.18 14.19 -6.72
C CYS A 249 0.52 14.84 -5.39
N LEU A 250 1.55 15.67 -5.38
CA LEU A 250 2.09 16.20 -4.13
C LEU A 250 1.76 17.66 -3.88
N ILE A 251 0.79 18.21 -4.60
CA ILE A 251 0.34 19.56 -4.32
C ILE A 251 -0.31 19.57 -2.95
N LYS A 252 0.15 20.45 -2.06
CA LYS A 252 -0.32 20.44 -0.69
C LYS A 252 -1.81 20.76 -0.56
N ASN A 253 -2.33 21.65 -1.41
CA ASN A 253 -3.76 21.94 -1.36
C ASN A 253 -4.54 20.85 -2.09
N PRO A 254 -5.33 20.08 -1.35
CA PRO A 254 -6.08 18.96 -1.94
C PRO A 254 -7.02 19.39 -3.05
N ALA A 255 -7.46 20.64 -3.01
CA ALA A 255 -8.37 21.13 -4.04
C ALA A 255 -7.59 21.16 -5.35
N GLU A 256 -6.35 21.63 -5.27
CA GLU A 256 -5.47 21.77 -6.44
C GLU A 256 -4.91 20.43 -6.90
N ARG A 257 -4.56 19.58 -5.94
CA ARG A 257 -4.01 18.26 -6.25
C ARG A 257 -4.89 17.52 -7.25
N ALA A 258 -4.27 16.65 -8.04
CA ALA A 258 -5.00 16.00 -9.12
C ALA A 258 -5.95 14.94 -8.57
N ASP A 259 -6.97 14.58 -9.35
CA ASP A 259 -7.85 13.48 -8.94
C ASP A 259 -7.66 12.26 -9.83
N LEU A 260 -8.27 11.15 -9.46
CA LEU A 260 -8.02 9.89 -10.14
C LEU A 260 -8.28 9.98 -11.64
N LYS A 261 -9.36 10.65 -12.02
CA LYS A 261 -9.67 10.83 -13.44
C LYS A 261 -8.57 11.63 -14.13
N GLN A 262 -8.11 12.68 -13.48
CA GLN A 262 -7.08 13.50 -14.07
C GLN A 262 -5.79 12.72 -14.24
N LEU A 263 -5.36 12.04 -13.19
CA LEU A 263 -4.13 11.24 -13.25
C LEU A 263 -4.23 10.19 -14.34
N MET A 264 -5.42 9.63 -14.52
CA MET A 264 -5.58 8.50 -15.42
C MET A 264 -5.40 8.91 -16.88
N VAL A 265 -5.49 10.21 -17.14
CA VAL A 265 -5.29 10.69 -18.51
C VAL A 265 -4.04 11.56 -18.61
N HIS A 266 -3.24 11.56 -17.57
CA HIS A 266 -2.01 12.33 -17.60
C HIS A 266 -1.07 11.73 -18.66
N ALA A 267 -0.22 12.59 -19.22
CA ALA A 267 0.76 12.17 -20.22
C ALA A 267 1.52 10.95 -19.75
N PHE A 268 2.10 11.03 -18.55
CA PHE A 268 2.91 9.95 -18.02
C PHE A 268 2.17 8.61 -18.03
N ILE A 269 0.88 8.64 -17.71
CA ILE A 269 0.11 7.40 -17.69
C ILE A 269 -0.24 6.90 -19.10
N LYS A 270 -0.60 7.81 -19.99
CA LYS A 270 -0.95 7.41 -21.36
C LYS A 270 0.25 6.75 -22.04
N ARG A 271 1.43 7.32 -21.81
CA ARG A 271 2.68 6.75 -22.29
C ARG A 271 2.93 5.39 -21.66
N SER A 272 3.00 5.36 -20.33
CA SER A 272 3.27 4.13 -19.59
C SER A 272 2.33 3.02 -20.00
N ASP A 273 1.07 3.36 -20.27
CA ASP A 273 0.10 2.34 -20.57
C ASP A 273 0.42 1.72 -21.92
N ALA A 274 1.09 2.50 -22.77
CA ALA A 274 1.41 2.08 -24.12
C ALA A 274 2.72 1.26 -24.17
N GLU A 275 3.65 1.58 -23.26
CA GLU A 275 4.94 0.92 -23.23
C GLU A 275 4.86 -0.58 -23.00
N GLU A 276 5.65 -1.34 -23.75
CA GLU A 276 5.75 -2.77 -23.50
C GLU A 276 6.81 -2.98 -22.44
N VAL A 277 6.36 -3.24 -21.21
CA VAL A 277 7.29 -3.53 -20.14
C VAL A 277 7.09 -4.98 -19.74
N ASP A 278 8.18 -5.73 -19.65
CA ASP A 278 8.08 -7.09 -19.16
C ASP A 278 8.38 -7.02 -17.68
N PHE A 279 7.33 -6.88 -16.87
CA PHE A 279 7.50 -6.59 -15.46
C PHE A 279 7.91 -7.84 -14.69
N ALA A 280 7.28 -8.96 -15.02
CA ALA A 280 7.60 -10.19 -14.35
C ALA A 280 9.06 -10.52 -14.60
N GLY A 281 9.52 -10.22 -15.81
CA GLY A 281 10.90 -10.46 -16.17
C GLY A 281 11.86 -9.61 -15.36
N TRP A 282 11.62 -8.30 -15.35
CA TRP A 282 12.44 -7.38 -14.56
C TRP A 282 12.43 -7.81 -13.10
N LEU A 283 11.25 -8.20 -12.63
CA LEU A 283 11.05 -8.55 -11.25
C LEU A 283 11.96 -9.71 -10.86
N CYS A 284 11.97 -10.75 -11.68
CA CYS A 284 12.63 -11.98 -11.31
C CYS A 284 14.14 -11.92 -11.48
N SER A 285 14.61 -11.04 -12.35
CA SER A 285 16.05 -10.79 -12.43
C SER A 285 16.46 -9.59 -11.59
N THR A 286 15.63 -9.22 -10.61
CA THR A 286 15.98 -8.20 -9.63
C THR A 286 15.82 -8.79 -8.24
N ILE A 287 14.83 -9.67 -8.12
CA ILE A 287 14.49 -10.31 -6.85
C ILE A 287 15.12 -11.68 -6.78
N GLY A 288 15.14 -12.37 -7.92
CA GLY A 288 15.52 -13.77 -7.91
C GLY A 288 14.34 -14.71 -8.13
PG ANP B . 3.75 -1.44 8.53
O1G ANP B . 3.45 -2.52 9.69
O2G ANP B . 4.25 -0.22 9.15
O3G ANP B . 2.42 -1.13 7.73
PB ANP B . 4.40 -3.41 6.67
O1B ANP B . 5.43 -3.89 5.72
O2B ANP B . 3.05 -3.03 5.83
N3B ANP B . 4.96 -2.05 7.45
PA ANP B . 3.08 -5.72 7.39
O1A ANP B . 2.68 -6.47 8.58
O2A ANP B . 1.75 -5.07 6.77
O3A ANP B . 4.14 -4.54 7.82
O5' ANP B . 3.73 -6.74 6.34
C5' ANP B . 5.10 -7.04 6.70
C4' ANP B . 5.79 -7.70 5.48
O4' ANP B . 5.05 -8.88 5.08
C3' ANP B . 5.83 -6.73 4.27
O3' ANP B . 7.14 -6.22 4.04
C2' ANP B . 5.29 -7.54 3.08
O2' ANP B . 6.21 -7.57 2.00
C1' ANP B . 4.99 -8.94 3.62
N9 ANP B . 3.65 -9.36 3.18
C8 ANP B . 2.45 -8.90 3.68
N7 ANP B . 1.46 -9.47 3.06
C5 ANP B . 1.94 -10.33 2.13
C6 ANP B . 1.37 -11.23 1.19
N6 ANP B . 0.00 -11.33 1.07
N1 ANP B . 2.19 -11.96 0.40
C2 ANP B . 3.53 -11.87 0.50
N3 ANP B . 4.12 -11.05 1.37
C4 ANP B . 3.37 -10.27 2.20
MG MG C . 1.30 -3.72 5.10
C4 CHU D . -7.38 -6.03 5.88
C5 CHU D . -7.09 -4.94 6.72
C6 CHU D . -5.78 -4.71 7.26
C7 CHU D . -5.59 -3.51 8.16
C8 CHU D . -6.65 -2.69 8.42
C13 CHU D . -6.62 -1.45 9.30
C20 CHU D . -6.74 -8.66 1.22
C22 CHU D . -5.54 0.83 9.53
C26 CHU D . -5.97 0.02 7.26
C1 CHU D . -6.33 -6.94 5.55
C2 CHU D . -5.03 -6.74 6.06
C3 CHU D . -4.75 -5.64 6.91
C9 CHU D . -8.02 -2.97 7.83
O10 CHU D . -8.17 -4.08 7.01
O11 CHU D . -8.98 -2.24 8.06
C12 CHU D . -4.19 -3.30 8.71
C14 CHU D . -6.04 -0.19 8.67
O15 CHU D . -6.59 -8.00 4.73
C16 CHU D . -6.57 -7.76 3.34
N17 CHU D . -6.40 -6.49 2.85
C18 CHU D . -6.40 -6.35 1.50
C19 CHU D . -6.56 -7.41 0.62
N21 CHU D . -6.74 -8.86 2.57
C23 CHU D . -5.01 1.99 8.97
N24 CHU D . -4.93 2.21 7.62
C25 CHU D . -5.42 1.22 6.78
N27 CHU D . -4.50 3.01 9.83
S28 CHU D . -4.59 4.59 9.23
N29 CHU D . -3.46 4.40 7.97
C30 CHU D . -2.05 4.26 8.39
O31 CHU D . -4.01 5.46 10.21
O32 CHU D . -5.85 4.88 8.61
F33 CHU D . -5.56 0.70 10.85
O1 PG4 E . -18.57 3.30 3.95
C1 PG4 E . -18.96 2.05 4.61
C2 PG4 E . -17.75 1.06 4.60
O2 PG4 E . -16.54 1.74 5.12
C3 PG4 E . -15.64 0.69 5.58
C4 PG4 E . -14.41 1.34 6.21
O3 PG4 E . -14.85 2.22 7.28
C5 PG4 E . -13.94 3.33 7.27
C6 PG4 E . -13.49 3.61 8.71
O4 PG4 E . -14.21 4.75 9.29
C7 PG4 E . -15.55 4.28 9.69
C8 PG4 E . -15.78 4.53 11.22
O5 PG4 E . -14.52 4.33 11.94
CL CL F . -13.38 11.92 -1.89
CL CL G . 8.74 2.23 9.15
CL CL H . 4.24 -8.70 -17.32
CL CL I . 9.89 13.99 -21.15
CL CL J . -2.63 -2.34 22.06
#